data_4EE1
#
_entry.id   4EE1
#
_cell.length_a   151.986
_cell.length_b   151.986
_cell.length_c   38.826
_cell.angle_alpha   90.00
_cell.angle_beta   90.00
_cell.angle_gamma   120.00
#
_symmetry.space_group_name_H-M   'P 61'
#
loop_
_entity.id
_entity.type
_entity.pdbx_description
1 polymer 'DNA primase'
2 non-polymer "CYTIDINE-5'-TRIPHOSPHATE"
3 non-polymer 'MANGANESE (II) ION'
4 non-polymer BENZAMIDINE
5 water water
#
_entity_poly.entity_id   1
_entity_poly.type   'polypeptide(L)'
_entity_poly.pdbx_seq_one_letter_code
;SNADDLQMIEMHELIQEFYYYALTKTVEGEQALTYLQERGFTDALIKERGIGFAPDSSHFCHDFLQKKGYDIELAYEAGL
LSRNEENFSYYDRFRNRIMFPLKNAQGRIVGYSGRTYTGQEPKYLNSPETPIFQKRKLLYNLDKARKSIRKLDEIVLLEG
FMDVIKSDTAGLKNVVATMGTQLSDEHITFIRKLTSNITLMFDGDFAGSEATLKTGQHLLQQGLNVFVIQLPSGMDPDEY
IGKYGNDAFTTFVKNDKKSFAHYKVSILKDEIAHNDLSYERYLKELSHDISLMKSSILQQKAINDVAPFFNVSPEQLANE
IQFNQAPAN
;
_entity_poly.pdbx_strand_id   A
#
loop_
_chem_comp.id
_chem_comp.type
_chem_comp.name
_chem_comp.formula
BEN non-polymer BENZAMIDINE 'C7 H8 N2'
CTP non-polymer CYTIDINE-5'-TRIPHOSPHATE 'C9 H16 N3 O14 P3'
MN non-polymer 'MANGANESE (II) ION' 'Mn 2'
#
# COMPACT_ATOMS: atom_id res chain seq x y z
N SER A 1 -23.27 11.32 -10.87
CA SER A 1 -23.49 10.82 -12.22
C SER A 1 -22.15 10.55 -12.90
N ASN A 2 -22.18 9.81 -13.99
CA ASN A 2 -20.96 9.52 -14.74
C ASN A 2 -20.32 10.80 -15.28
N ALA A 3 -21.18 11.76 -15.64
CA ALA A 3 -20.72 13.05 -16.16
C ALA A 3 -19.95 13.83 -15.09
N ASP A 4 -20.47 13.83 -13.87
CA ASP A 4 -19.82 14.52 -12.77
C ASP A 4 -18.52 13.82 -12.39
N ASP A 5 -18.53 12.49 -12.43
CA ASP A 5 -17.33 11.71 -12.16
C ASP A 5 -16.22 12.11 -13.12
N LEU A 6 -16.57 12.24 -14.40
CA LEU A 6 -15.60 12.60 -15.44
C LEU A 6 -15.03 14.00 -15.20
N GLN A 7 -15.89 14.94 -14.81
CA GLN A 7 -15.44 16.30 -14.46
C GLN A 7 -14.42 16.25 -13.33
N MET A 8 -14.71 15.46 -12.31
CA MET A 8 -13.84 15.34 -11.14
C MET A 8 -12.48 14.76 -11.52
N ILE A 9 -12.48 13.78 -12.42
CA ILE A 9 -11.24 13.20 -12.92
C ILE A 9 -10.45 14.24 -13.71
N GLU A 10 -11.14 14.99 -14.56
CA GLU A 10 -10.51 16.05 -15.33
C GLU A 10 -9.79 17.05 -14.44
N MET A 11 -10.47 17.47 -13.39
CA MET A 11 -9.89 18.39 -12.40
C MET A 11 -8.58 17.85 -11.86
N HIS A 12 -8.59 16.56 -11.50
CA HIS A 12 -7.40 15.93 -10.95
C HIS A 12 -6.27 15.87 -11.98
N GLU A 13 -6.60 15.49 -13.20
CA GLU A 13 -5.57 15.33 -14.23
C GLU A 13 -5.01 16.67 -14.72
N LEU A 14 -5.84 17.71 -14.67
CA LEU A 14 -5.40 19.05 -15.07
C LEU A 14 -4.53 19.71 -14.00
N ILE A 15 -4.98 19.65 -12.75
CA ILE A 15 -4.20 20.22 -11.65
C ILE A 15 -2.86 19.50 -11.49
N GLN A 16 -2.81 18.23 -11.91
CA GLN A 16 -1.56 17.45 -11.85
C GLN A 16 -0.45 18.16 -12.62
N GLU A 17 -0.77 18.67 -13.81
CA GLU A 17 0.20 19.37 -14.63
C GLU A 17 0.74 20.60 -13.91
N PHE A 18 -0.13 21.29 -13.18
CA PHE A 18 0.28 22.49 -12.47
C PHE A 18 1.11 22.15 -11.23
N TYR A 19 0.73 21.08 -10.52
CA TYR A 19 1.50 20.61 -9.37
C TYR A 19 2.92 20.23 -9.78
N TYR A 20 3.02 19.56 -10.92
CA TYR A 20 4.31 19.12 -11.44
C TYR A 20 5.21 20.30 -11.80
N TYR A 21 4.62 21.30 -12.43
CA TYR A 21 5.35 22.53 -12.74
C TYR A 21 5.82 23.22 -11.47
N ALA A 22 4.92 23.31 -10.49
CA ALA A 22 5.22 23.95 -9.21
C ALA A 22 6.43 23.32 -8.53
N LEU A 23 6.47 21.99 -8.55
CA LEU A 23 7.56 21.24 -7.93
C LEU A 23 8.89 21.42 -8.65
N THR A 24 8.88 21.23 -9.97
CA THR A 24 10.11 21.10 -10.73
C THR A 24 10.71 22.42 -11.22
N LYS A 25 9.90 23.47 -11.27
CA LYS A 25 10.34 24.73 -11.89
C LYS A 25 10.32 25.95 -10.98
N THR A 26 9.36 26.03 -10.07
CA THR A 26 9.14 27.26 -9.31
C THR A 26 10.03 27.40 -8.09
N VAL A 27 10.22 28.64 -7.65
CA VAL A 27 11.05 28.93 -6.49
C VAL A 27 10.49 28.29 -5.22
N GLU A 28 9.18 28.38 -5.02
CA GLU A 28 8.57 27.86 -3.80
C GLU A 28 8.72 26.34 -3.69
N GLY A 29 8.78 25.65 -4.82
CA GLY A 29 8.88 24.21 -4.82
C GLY A 29 10.29 23.66 -4.64
N GLU A 30 11.27 24.55 -4.53
CA GLU A 30 12.68 24.14 -4.49
C GLU A 30 13.05 23.25 -3.31
N GLN A 31 12.54 23.56 -2.12
CA GLN A 31 12.84 22.76 -0.94
C GLN A 31 12.23 21.36 -1.04
N ALA A 32 10.98 21.30 -1.52
CA ALA A 32 10.32 20.01 -1.70
C ALA A 32 11.04 19.17 -2.75
N LEU A 33 11.52 19.82 -3.81
CA LEU A 33 12.27 19.13 -4.86
C LEU A 33 13.57 18.53 -4.31
N THR A 34 14.26 19.30 -3.47
CA THR A 34 15.50 18.84 -2.86
C THR A 34 15.25 17.65 -1.95
N TYR A 35 14.19 17.71 -1.16
CA TYR A 35 13.80 16.61 -0.29
C TYR A 35 13.64 15.31 -1.07
N LEU A 36 12.91 15.37 -2.19
CA LEU A 36 12.68 14.20 -3.02
C LEU A 36 13.97 13.66 -3.62
N GLN A 37 14.83 14.56 -4.08
CA GLN A 37 16.09 14.17 -4.70
C GLN A 37 17.03 13.50 -3.69
N GLU A 38 16.96 13.95 -2.43
CA GLU A 38 17.74 13.34 -1.37
C GLU A 38 17.22 11.95 -1.00
N ARG A 39 15.97 11.67 -1.36
CA ARG A 39 15.38 10.34 -1.16
C ARG A 39 15.57 9.46 -2.40
N GLY A 40 16.39 9.91 -3.33
CA GLY A 40 16.73 9.12 -4.50
C GLY A 40 15.80 9.27 -5.68
N PHE A 41 14.89 10.24 -5.62
CA PHE A 41 14.00 10.51 -6.75
C PHE A 41 14.74 11.24 -7.86
N THR A 42 14.95 10.56 -8.97
CA THR A 42 15.53 11.19 -10.15
C THR A 42 14.46 12.06 -10.82
N ASP A 43 14.90 12.94 -11.71
CA ASP A 43 13.97 13.76 -12.48
C ASP A 43 13.02 12.89 -13.30
N ALA A 44 13.55 11.79 -13.82
CA ALA A 44 12.76 10.86 -14.62
C ALA A 44 11.66 10.19 -13.81
N LEU A 45 12.00 9.76 -12.59
CA LEU A 45 11.03 9.09 -11.73
C LEU A 45 9.92 10.04 -11.32
N ILE A 46 10.31 11.27 -10.98
CA ILE A 46 9.36 12.30 -10.61
C ILE A 46 8.37 12.55 -11.74
N LYS A 47 8.89 12.60 -12.96
CA LYS A 47 8.04 12.78 -14.14
C LYS A 47 7.17 11.55 -14.39
N GLU A 48 7.77 10.37 -14.22
CA GLU A 48 7.07 9.10 -14.44
C GLU A 48 5.87 8.93 -13.50
N ARG A 49 6.07 9.27 -12.24
CA ARG A 49 5.00 9.15 -11.24
C ARG A 49 4.10 10.39 -11.19
N GLY A 50 4.46 11.41 -11.96
CA GLY A 50 3.67 12.63 -12.03
C GLY A 50 3.65 13.41 -10.72
N ILE A 51 4.71 13.27 -9.94
CA ILE A 51 4.78 13.89 -8.62
C ILE A 51 4.90 15.41 -8.71
N GLY A 52 4.18 16.10 -7.83
CA GLY A 52 4.14 17.55 -7.86
C GLY A 52 4.22 18.19 -6.49
N PHE A 53 3.90 19.48 -6.43
CA PHE A 53 3.98 20.24 -5.19
C PHE A 53 2.77 21.16 -5.10
N ALA A 54 2.14 21.19 -3.93
CA ALA A 54 1.05 22.12 -3.67
C ALA A 54 1.56 23.28 -2.83
N PRO A 55 1.56 24.49 -3.41
CA PRO A 55 2.02 25.70 -2.71
C PRO A 55 1.20 25.97 -1.44
N ASP A 56 1.64 26.90 -0.61
CA ASP A 56 1.00 27.12 0.69
C ASP A 56 -0.02 28.25 0.70
N SER A 57 -0.34 28.79 -0.47
CA SER A 57 -1.19 29.98 -0.56
C SER A 57 -2.63 29.72 -0.11
N SER A 58 -3.08 28.48 -0.25
CA SER A 58 -4.43 28.02 0.10
C SER A 58 -5.51 28.38 -0.93
N HIS A 59 -5.09 28.90 -2.08
CA HIS A 59 -6.03 29.20 -3.16
C HIS A 59 -5.42 28.93 -4.53
N PHE A 60 -4.32 28.17 -4.52
CA PHE A 60 -3.64 27.77 -5.75
C PHE A 60 -4.53 26.87 -6.61
N CYS A 61 -4.98 25.76 -6.02
CA CYS A 61 -5.87 24.85 -6.72
C CYS A 61 -7.23 25.51 -6.99
N HIS A 62 -7.70 26.26 -6.01
CA HIS A 62 -8.99 26.95 -6.12
C HIS A 62 -9.05 27.90 -7.31
N ASP A 63 -8.06 28.78 -7.41
CA ASP A 63 -8.04 29.78 -8.49
C ASP A 63 -7.88 29.12 -9.86
N PHE A 64 -7.07 28.07 -9.92
CA PHE A 64 -6.85 27.35 -11.18
C PHE A 64 -8.14 26.72 -11.71
N LEU A 65 -8.85 26.00 -10.84
CA LEU A 65 -10.07 25.32 -11.24
C LEU A 65 -11.17 26.34 -11.58
N GLN A 66 -11.17 27.46 -10.88
CA GLN A 66 -12.12 28.52 -11.13
C GLN A 66 -11.88 29.12 -12.51
N LYS A 67 -10.62 29.38 -12.82
CA LYS A 67 -10.22 29.92 -14.12
C LYS A 67 -10.61 28.98 -15.26
N LYS A 68 -10.52 27.68 -15.00
CA LYS A 68 -10.83 26.67 -16.01
C LYS A 68 -12.34 26.42 -16.13
N GLY A 69 -13.12 27.15 -15.35
CA GLY A 69 -14.58 27.08 -15.47
C GLY A 69 -15.21 25.89 -14.77
N TYR A 70 -14.51 25.30 -13.80
CA TYR A 70 -15.08 24.20 -13.04
C TYR A 70 -15.96 24.71 -11.90
N ASP A 71 -17.01 23.96 -11.60
CA ASP A 71 -17.87 24.28 -10.47
C ASP A 71 -17.13 24.06 -9.17
N ILE A 72 -16.97 25.13 -8.39
CA ILE A 72 -16.22 25.08 -7.14
C ILE A 72 -16.76 24.04 -6.17
N GLU A 73 -18.09 23.99 -6.03
CA GLU A 73 -18.72 23.02 -5.15
C GLU A 73 -18.42 21.59 -5.59
N LEU A 74 -18.30 21.38 -6.89
CA LEU A 74 -17.96 20.06 -7.43
C LEU A 74 -16.50 19.72 -7.13
N ALA A 75 -15.65 20.75 -7.11
CA ALA A 75 -14.24 20.58 -6.77
C ALA A 75 -14.10 20.21 -5.29
N TYR A 76 -15.02 20.74 -4.47
CA TYR A 76 -15.08 20.38 -3.06
C TYR A 76 -15.50 18.92 -2.91
N GLU A 77 -16.54 18.52 -3.62
CA GLU A 77 -17.01 17.14 -3.59
C GLU A 77 -15.96 16.17 -4.14
N ALA A 78 -15.08 16.69 -5.00
CA ALA A 78 -14.00 15.88 -5.55
C ALA A 78 -12.81 15.76 -4.60
N GLY A 79 -12.89 16.45 -3.47
CA GLY A 79 -11.87 16.35 -2.44
C GLY A 79 -10.62 17.18 -2.69
N LEU A 80 -10.72 18.13 -3.62
CA LEU A 80 -9.59 18.99 -3.96
C LEU A 80 -9.62 20.29 -3.16
N LEU A 81 -10.81 20.67 -2.71
CA LEU A 81 -10.96 21.87 -1.89
C LEU A 81 -11.58 21.52 -0.55
N SER A 82 -11.38 22.39 0.43
CA SER A 82 -12.03 22.29 1.73
C SER A 82 -12.99 23.45 1.87
N ARG A 83 -13.85 23.42 2.88
CA ARG A 83 -14.85 24.46 3.05
C ARG A 83 -14.97 24.95 4.49
N ASN A 84 -14.88 26.26 4.67
N ASN A 84 -14.89 26.27 4.67
CA ASN A 84 -15.08 26.88 5.98
CA ASN A 84 -15.07 26.86 5.99
C ASN A 84 -16.55 26.86 6.37
C ASN A 84 -16.54 26.91 6.38
N GLU A 85 -16.83 26.50 7.61
CA GLU A 85 -18.21 26.44 8.10
C GLU A 85 -18.82 27.83 8.27
N GLU A 86 -18.06 28.75 8.83
CA GLU A 86 -18.54 30.10 9.08
C GLU A 86 -18.73 30.91 7.80
N ASN A 87 -17.63 31.19 7.12
CA ASN A 87 -17.65 32.06 5.94
C ASN A 87 -18.22 31.39 4.70
N PHE A 88 -18.44 30.07 4.78
CA PHE A 88 -18.96 29.29 3.66
C PHE A 88 -18.07 29.36 2.42
N SER A 89 -16.81 29.72 2.62
CA SER A 89 -15.87 29.87 1.51
C SER A 89 -15.07 28.58 1.31
N TYR A 90 -14.42 28.49 0.15
CA TYR A 90 -13.62 27.31 -0.17
C TYR A 90 -12.13 27.65 -0.26
N TYR A 91 -11.29 26.66 0.04
CA TYR A 91 -9.84 26.82 -0.05
C TYR A 91 -9.19 25.46 -0.32
N ASP A 92 -7.90 25.49 -0.67
CA ASP A 92 -7.16 24.27 -0.99
C ASP A 92 -7.08 23.30 0.17
N ARG A 93 -7.41 22.04 -0.08
CA ARG A 93 -7.24 20.98 0.92
C ARG A 93 -5.77 20.66 1.10
N PHE A 94 -5.01 20.70 0.01
CA PHE A 94 -3.59 20.37 0.04
C PHE A 94 -2.73 21.62 -0.01
N ARG A 95 -1.95 21.84 1.04
CA ARG A 95 -1.14 23.04 1.18
C ARG A 95 0.27 22.70 1.68
N ASN A 96 1.28 23.15 0.93
CA ASN A 96 2.68 22.90 1.29
C ASN A 96 3.00 21.42 1.45
N ARG A 97 2.56 20.62 0.48
CA ARG A 97 2.81 19.18 0.51
C ARG A 97 3.26 18.67 -0.85
N ILE A 98 4.02 17.58 -0.83
CA ILE A 98 4.43 16.91 -2.05
C ILE A 98 3.29 16.02 -2.53
N MET A 99 2.87 16.20 -3.77
CA MET A 99 1.64 15.61 -4.26
C MET A 99 1.87 14.35 -5.10
N PHE A 100 1.38 13.22 -4.58
CA PHE A 100 1.44 11.96 -5.28
C PHE A 100 0.07 11.63 -5.87
N PRO A 101 -0.02 11.59 -7.20
CA PRO A 101 -1.28 11.25 -7.87
C PRO A 101 -1.68 9.82 -7.54
N LEU A 102 -2.96 9.62 -7.23
CA LEU A 102 -3.50 8.30 -6.99
C LEU A 102 -4.37 7.90 -8.17
N LYS A 103 -3.91 6.91 -8.94
CA LYS A 103 -4.65 6.46 -10.11
C LYS A 103 -5.55 5.27 -9.78
N ASN A 104 -6.74 5.23 -10.38
CA ASN A 104 -7.62 4.09 -10.19
C ASN A 104 -7.17 2.90 -11.03
N ALA A 105 -7.94 1.81 -10.98
CA ALA A 105 -7.61 0.59 -11.71
C ALA A 105 -7.56 0.79 -13.22
N GLN A 106 -8.20 1.86 -13.71
CA GLN A 106 -8.20 2.14 -15.14
C GLN A 106 -7.14 3.18 -15.52
N GLY A 107 -6.31 3.56 -14.56
CA GLY A 107 -5.19 4.45 -14.83
C GLY A 107 -5.50 5.93 -14.78
N ARG A 108 -6.70 6.29 -14.34
CA ARG A 108 -7.08 7.70 -14.26
C ARG A 108 -6.81 8.23 -12.86
N ILE A 109 -6.33 9.47 -12.77
CA ILE A 109 -6.07 10.10 -11.48
C ILE A 109 -7.40 10.46 -10.82
N VAL A 110 -7.62 9.92 -9.62
CA VAL A 110 -8.89 10.13 -8.93
C VAL A 110 -8.70 10.71 -7.53
N GLY A 111 -7.44 10.89 -7.13
CA GLY A 111 -7.14 11.45 -5.83
C GLY A 111 -5.67 11.78 -5.67
N TYR A 112 -5.31 12.31 -4.50
CA TYR A 112 -3.92 12.62 -4.19
C TYR A 112 -3.55 12.17 -2.79
N SER A 113 -2.28 11.86 -2.61
CA SER A 113 -1.69 11.78 -1.28
C SER A 113 -0.65 12.87 -1.15
N GLY A 114 -0.82 13.74 -0.17
CA GLY A 114 0.11 14.85 0.03
C GLY A 114 0.99 14.60 1.24
N ARG A 115 2.29 14.45 1.01
CA ARG A 115 3.22 14.25 2.11
C ARG A 115 3.86 15.56 2.53
N THR A 116 4.01 15.75 3.84
CA THR A 116 4.80 16.86 4.35
C THR A 116 6.26 16.62 3.97
N TYR A 117 7.05 17.68 3.99
CA TYR A 117 8.49 17.56 3.81
C TYR A 117 9.19 18.39 4.87
N THR A 118 8.41 18.85 5.85
CA THR A 118 8.93 19.70 6.91
C THR A 118 8.53 19.17 8.29
N GLY A 119 8.27 17.86 8.36
CA GLY A 119 7.96 17.20 9.62
C GLY A 119 6.62 17.57 10.23
N GLN A 120 5.67 17.94 9.39
CA GLN A 120 4.35 18.34 9.87
C GLN A 120 3.40 17.15 10.06
N GLU A 121 2.32 17.38 10.78
CA GLU A 121 1.31 16.35 11.01
C GLU A 121 -0.02 16.77 10.38
N PRO A 122 -0.70 15.83 9.69
CA PRO A 122 -0.26 14.44 9.51
C PRO A 122 0.80 14.31 8.42
N LYS A 123 1.65 13.29 8.53
CA LYS A 123 2.71 13.06 7.57
C LYS A 123 2.15 12.95 6.15
N TYR A 124 1.12 12.12 6.00
CA TYR A 124 0.42 12.00 4.72
C TYR A 124 -1.02 12.47 4.86
N LEU A 125 -1.45 13.32 3.94
CA LEU A 125 -2.84 13.71 3.85
C LEU A 125 -3.41 13.23 2.52
N ASN A 126 -4.43 12.37 2.58
CA ASN A 126 -5.06 11.85 1.39
C ASN A 126 -6.31 12.62 1.01
N SER A 127 -6.78 12.42 -0.22
CA SER A 127 -8.12 12.86 -0.60
C SER A 127 -9.11 12.19 0.32
N PRO A 128 -10.24 12.85 0.62
CA PRO A 128 -11.27 12.19 1.41
C PRO A 128 -12.03 11.21 0.53
N GLU A 129 -12.98 10.47 1.09
CA GLU A 129 -13.82 9.59 0.28
C GLU A 129 -14.68 10.43 -0.67
N THR A 130 -14.64 10.11 -1.96
CA THR A 130 -15.41 10.82 -2.97
C THR A 130 -16.10 9.81 -3.89
N PRO A 131 -17.00 10.28 -4.78
CA PRO A 131 -17.57 9.34 -5.75
C PRO A 131 -16.54 8.63 -6.64
N ILE A 132 -15.33 9.17 -6.77
CA ILE A 132 -14.32 8.54 -7.62
C ILE A 132 -13.15 7.96 -6.84
N PHE A 133 -13.00 8.37 -5.58
CA PHE A 133 -11.92 7.86 -4.74
C PHE A 133 -12.46 7.13 -3.52
N GLN A 134 -12.26 5.82 -3.50
CA GLN A 134 -12.73 4.99 -2.40
C GLN A 134 -11.59 4.08 -1.93
N LYS A 135 -11.12 4.32 -0.72
CA LYS A 135 -9.96 3.60 -0.18
C LYS A 135 -10.19 2.08 -0.08
N ARG A 136 -11.44 1.68 0.08
CA ARG A 136 -11.75 0.25 0.19
C ARG A 136 -11.64 -0.46 -1.16
N LYS A 137 -11.54 0.31 -2.24
CA LYS A 137 -11.45 -0.27 -3.57
C LYS A 137 -10.09 -0.02 -4.24
N LEU A 138 -9.53 1.16 -4.00
CA LEU A 138 -8.30 1.55 -4.67
C LEU A 138 -7.06 0.86 -4.09
N LEU A 139 -6.21 0.37 -4.99
CA LEU A 139 -4.92 -0.20 -4.64
C LEU A 139 -3.88 0.56 -5.43
N TYR A 140 -2.97 1.24 -4.73
CA TYR A 140 -1.95 2.04 -5.40
C TYR A 140 -1.11 1.19 -6.33
N ASN A 141 -0.93 1.66 -7.56
CA ASN A 141 -0.07 1.04 -8.58
C ASN A 141 -0.70 -0.14 -9.32
N LEU A 142 -1.95 -0.45 -9.04
CA LEU A 142 -2.60 -1.62 -9.62
C LEU A 142 -2.63 -1.62 -11.15
N ASP A 143 -2.97 -0.48 -11.76
CA ASP A 143 -3.05 -0.41 -13.21
C ASP A 143 -1.69 -0.67 -13.85
N LYS A 144 -0.64 -0.23 -13.20
CA LYS A 144 0.72 -0.42 -13.69
C LYS A 144 1.21 -1.85 -13.42
N ALA A 145 0.80 -2.40 -12.28
CA ALA A 145 1.30 -3.69 -11.82
C ALA A 145 0.54 -4.89 -12.41
N ARG A 146 -0.66 -4.66 -12.93
CA ARG A 146 -1.56 -5.74 -13.34
C ARG A 146 -0.90 -6.74 -14.30
N LYS A 147 -0.18 -6.22 -15.28
CA LYS A 147 0.47 -7.06 -16.29
C LYS A 147 1.45 -8.06 -15.67
N SER A 148 2.30 -7.58 -14.76
CA SER A 148 3.30 -8.43 -14.13
C SER A 148 2.69 -9.35 -13.08
N ILE A 149 1.61 -8.90 -12.45
CA ILE A 149 0.89 -9.73 -11.49
C ILE A 149 0.34 -10.98 -12.18
N ARG A 150 -0.26 -10.80 -13.35
CA ARG A 150 -0.77 -11.91 -14.13
C ARG A 150 0.33 -12.84 -14.62
N LYS A 151 1.41 -12.24 -15.14
CA LYS A 151 2.51 -13.03 -15.71
C LYS A 151 3.30 -13.80 -14.66
N LEU A 152 3.50 -13.19 -13.50
CA LEU A 152 4.23 -13.85 -12.42
C LEU A 152 3.30 -14.69 -11.54
N ASP A 153 2.00 -14.53 -11.77
CA ASP A 153 0.97 -15.22 -10.98
C ASP A 153 1.19 -14.98 -9.48
N GLU A 154 1.40 -13.71 -9.13
CA GLU A 154 1.64 -13.34 -7.75
C GLU A 154 1.50 -11.83 -7.58
N ILE A 155 0.89 -11.44 -6.46
CA ILE A 155 0.85 -10.03 -6.08
C ILE A 155 1.58 -9.85 -4.75
N VAL A 156 2.33 -8.76 -4.65
CA VAL A 156 3.04 -8.43 -3.42
C VAL A 156 2.44 -7.18 -2.81
N LEU A 157 1.99 -7.29 -1.56
CA LEU A 157 1.34 -6.18 -0.88
C LEU A 157 2.30 -5.51 0.09
N LEU A 158 2.48 -4.20 -0.08
CA LEU A 158 3.33 -3.42 0.82
C LEU A 158 2.46 -2.51 1.67
N GLU A 159 3.03 -1.94 2.72
CA GLU A 159 2.29 -1.01 3.57
C GLU A 159 2.12 0.36 2.93
N GLY A 160 3.20 0.86 2.33
CA GLY A 160 3.20 2.23 1.84
C GLY A 160 3.36 2.33 0.34
N PHE A 161 2.69 3.31 -0.25
CA PHE A 161 2.83 3.52 -1.70
C PHE A 161 4.24 3.98 -2.04
N MET A 162 4.90 4.63 -1.09
CA MET A 162 6.29 5.01 -1.25
C MET A 162 7.18 3.79 -1.46
N ASP A 163 6.93 2.74 -0.68
CA ASP A 163 7.65 1.48 -0.83
C ASP A 163 7.36 0.86 -2.19
N VAL A 164 6.12 1.01 -2.65
CA VAL A 164 5.72 0.49 -3.95
C VAL A 164 6.52 1.15 -5.06
N ILE A 165 6.60 2.48 -5.01
CA ILE A 165 7.35 3.25 -5.99
C ILE A 165 8.81 2.79 -6.05
N LYS A 166 9.45 2.71 -4.88
CA LYS A 166 10.85 2.30 -4.81
C LYS A 166 11.08 0.85 -5.24
N SER A 167 10.18 -0.04 -4.81
CA SER A 167 10.26 -1.44 -5.18
C SER A 167 10.13 -1.61 -6.69
N ASP A 168 9.21 -0.84 -7.28
CA ASP A 168 9.00 -0.85 -8.73
C ASP A 168 10.28 -0.47 -9.46
N THR A 169 10.90 0.63 -9.01
CA THR A 169 12.14 1.11 -9.61
C THR A 169 13.26 0.08 -9.43
N ALA A 170 13.25 -0.60 -8.29
CA ALA A 170 14.27 -1.60 -7.98
C ALA A 170 14.14 -2.85 -8.86
N GLY A 171 12.97 -3.04 -9.45
CA GLY A 171 12.77 -4.17 -10.34
C GLY A 171 11.62 -5.09 -9.94
N LEU A 172 11.04 -4.86 -8.77
CA LEU A 172 9.89 -5.63 -8.31
C LEU A 172 8.60 -4.95 -8.75
N LYS A 173 8.01 -5.45 -9.83
CA LYS A 173 6.91 -4.76 -10.52
C LYS A 173 5.51 -5.12 -10.02
N ASN A 174 5.34 -6.33 -9.52
CA ASN A 174 4.01 -6.81 -9.13
C ASN A 174 3.64 -6.41 -7.71
N VAL A 175 3.74 -5.10 -7.43
CA VAL A 175 3.53 -4.58 -6.08
C VAL A 175 2.40 -3.54 -6.02
N VAL A 176 1.61 -3.61 -4.96
CA VAL A 176 0.57 -2.61 -4.71
C VAL A 176 0.50 -2.30 -3.22
N ALA A 177 -0.30 -1.31 -2.86
CA ALA A 177 -0.52 -0.97 -1.46
C ALA A 177 -1.89 -0.33 -1.30
N THR A 178 -2.47 -0.46 -0.11
CA THR A 178 -3.68 0.28 0.21
C THR A 178 -3.27 1.68 0.62
N MET A 179 -4.23 2.60 0.65
CA MET A 179 -3.95 3.96 1.09
C MET A 179 -4.10 4.09 2.60
N GLY A 180 -3.25 3.38 3.35
CA GLY A 180 -3.20 3.49 4.78
C GLY A 180 -4.31 2.75 5.51
N THR A 181 -4.99 1.85 4.81
CA THR A 181 -6.11 1.12 5.39
C THR A 181 -5.84 -0.37 5.40
N GLN A 182 -6.66 -1.11 6.17
CA GLN A 182 -6.57 -2.56 6.15
C GLN A 182 -7.16 -3.05 4.84
N LEU A 183 -6.53 -4.09 4.27
CA LEU A 183 -7.04 -4.68 3.03
C LEU A 183 -8.50 -5.08 3.21
N SER A 184 -9.35 -4.66 2.27
CA SER A 184 -10.79 -4.86 2.39
C SER A 184 -11.25 -6.10 1.62
N ASP A 185 -12.52 -6.48 1.82
CA ASP A 185 -13.10 -7.59 1.09
C ASP A 185 -13.19 -7.29 -0.40
N GLU A 186 -13.47 -6.03 -0.73
CA GLU A 186 -13.51 -5.58 -2.11
C GLU A 186 -12.14 -5.74 -2.77
N HIS A 187 -11.09 -5.37 -2.05
CA HIS A 187 -9.72 -5.52 -2.53
C HIS A 187 -9.43 -6.97 -2.87
N ILE A 188 -9.79 -7.86 -1.95
CA ILE A 188 -9.53 -9.28 -2.10
C ILE A 188 -10.28 -9.85 -3.30
N THR A 189 -11.50 -9.37 -3.53
CA THR A 189 -12.28 -9.77 -4.69
C THR A 189 -11.58 -9.37 -5.99
N PHE A 190 -11.05 -8.14 -6.01
CA PHE A 190 -10.29 -7.65 -7.16
C PHE A 190 -9.04 -8.49 -7.39
N ILE A 191 -8.30 -8.72 -6.31
CA ILE A 191 -7.05 -9.45 -6.38
C ILE A 191 -7.25 -10.90 -6.86
N ARG A 192 -8.30 -11.54 -6.34
CA ARG A 192 -8.60 -12.93 -6.69
C ARG A 192 -8.77 -13.14 -8.20
N LYS A 193 -9.22 -12.10 -8.90
CA LYS A 193 -9.42 -12.19 -10.34
C LYS A 193 -8.09 -12.23 -11.08
N LEU A 194 -7.03 -11.78 -10.43
CA LEU A 194 -5.72 -11.67 -11.06
C LEU A 194 -4.81 -12.84 -10.72
N THR A 195 -4.88 -13.29 -9.46
CA THR A 195 -3.99 -14.34 -8.97
C THR A 195 -4.52 -14.90 -7.66
N SER A 196 -4.10 -16.11 -7.32
CA SER A 196 -4.46 -16.71 -6.04
C SER A 196 -3.27 -16.69 -5.08
N ASN A 197 -2.15 -16.13 -5.54
CA ASN A 197 -0.95 -16.05 -4.73
C ASN A 197 -0.67 -14.61 -4.28
N ILE A 198 -0.61 -14.42 -2.97
CA ILE A 198 -0.33 -13.10 -2.43
C ILE A 198 0.76 -13.13 -1.37
N THR A 199 1.75 -12.25 -1.52
CA THR A 199 2.86 -12.16 -0.60
C THR A 199 2.79 -10.85 0.18
N LEU A 200 2.86 -10.95 1.50
CA LEU A 200 2.83 -9.78 2.36
C LEU A 200 4.24 -9.39 2.78
N MET A 201 4.62 -8.16 2.47
CA MET A 201 5.89 -7.63 2.93
C MET A 201 5.67 -6.28 3.60
N PHE A 202 5.27 -6.32 4.87
CA PHE A 202 5.01 -5.11 5.63
C PHE A 202 6.28 -4.68 6.36
N ASP A 203 6.23 -3.52 7.00
CA ASP A 203 7.39 -2.98 7.73
C ASP A 203 7.87 -3.97 8.79
N GLY A 204 9.18 -3.99 9.03
CA GLY A 204 9.76 -4.93 9.96
C GLY A 204 9.69 -4.52 11.42
N ASP A 205 8.50 -4.09 11.85
CA ASP A 205 8.29 -3.74 13.25
C ASP A 205 7.09 -4.48 13.81
N PHE A 206 6.78 -4.23 15.08
CA PHE A 206 5.67 -4.92 15.76
C PHE A 206 4.34 -4.67 15.07
N ALA A 207 4.06 -3.42 14.72
CA ALA A 207 2.83 -3.07 14.04
C ALA A 207 2.72 -3.81 12.71
N GLY A 208 3.85 -3.94 12.02
CA GLY A 208 3.90 -4.61 10.74
C GLY A 208 3.58 -6.09 10.89
N SER A 209 4.14 -6.70 11.93
CA SER A 209 3.90 -8.11 12.20
C SER A 209 2.43 -8.35 12.51
N GLU A 210 1.86 -7.49 13.34
CA GLU A 210 0.44 -7.59 13.70
C GLU A 210 -0.45 -7.46 12.48
N ALA A 211 -0.16 -6.48 11.63
CA ALA A 211 -0.93 -6.28 10.41
C ALA A 211 -0.79 -7.47 9.45
N THR A 212 0.39 -8.09 9.46
CA THR A 212 0.63 -9.25 8.60
C THR A 212 -0.26 -10.42 9.05
N LEU A 213 -0.32 -10.63 10.36
CA LEU A 213 -1.13 -11.71 10.91
C LEU A 213 -2.62 -11.49 10.65
N LYS A 214 -3.07 -10.26 10.80
CA LYS A 214 -4.48 -9.95 10.62
C LYS A 214 -4.86 -10.05 9.14
N THR A 215 -4.07 -9.42 8.28
CA THR A 215 -4.33 -9.44 6.84
C THR A 215 -4.16 -10.85 6.27
N GLY A 216 -3.12 -11.55 6.70
CA GLY A 216 -2.88 -12.91 6.26
C GLY A 216 -4.00 -13.86 6.61
N GLN A 217 -4.50 -13.77 7.84
CA GLN A 217 -5.58 -14.62 8.30
C GLN A 217 -6.84 -14.41 7.46
N HIS A 218 -7.12 -13.14 7.15
CA HIS A 218 -8.28 -12.77 6.35
C HIS A 218 -8.15 -13.37 4.94
N LEU A 219 -6.98 -13.19 4.34
CA LEU A 219 -6.69 -13.72 3.02
C LEU A 219 -6.77 -15.25 2.98
N LEU A 220 -6.23 -15.89 4.02
CA LEU A 220 -6.25 -17.34 4.12
C LEU A 220 -7.69 -17.83 4.20
N GLN A 221 -8.49 -17.15 5.01
CA GLN A 221 -9.90 -17.48 5.18
C GLN A 221 -10.66 -17.34 3.87
N GLN A 222 -10.23 -16.40 3.03
CA GLN A 222 -10.87 -16.17 1.75
C GLN A 222 -10.35 -17.09 0.64
N GLY A 223 -9.43 -17.99 1.00
CA GLY A 223 -9.00 -19.03 0.09
C GLY A 223 -7.84 -18.68 -0.82
N LEU A 224 -7.05 -17.68 -0.44
CA LEU A 224 -5.86 -17.33 -1.20
C LEU A 224 -4.64 -18.05 -0.65
N ASN A 225 -3.62 -18.23 -1.48
CA ASN A 225 -2.35 -18.77 -1.03
C ASN A 225 -1.48 -17.63 -0.50
N VAL A 226 -1.26 -17.61 0.81
CA VAL A 226 -0.63 -16.48 1.47
C VAL A 226 0.81 -16.75 1.85
N PHE A 227 1.70 -15.83 1.47
CA PHE A 227 3.11 -15.92 1.80
C PHE A 227 3.58 -14.63 2.48
N VAL A 228 4.67 -14.73 3.22
CA VAL A 228 5.19 -13.60 3.98
C VAL A 228 6.69 -13.42 3.75
N ILE A 229 7.11 -12.18 3.51
CA ILE A 229 8.51 -11.82 3.50
C ILE A 229 8.79 -10.96 4.72
N GLN A 230 9.66 -11.44 5.60
CA GLN A 230 9.96 -10.69 6.82
C GLN A 230 11.19 -9.80 6.63
N LEU A 231 10.97 -8.50 6.64
CA LEU A 231 12.05 -7.54 6.52
C LEU A 231 12.84 -7.48 7.83
N PRO A 232 14.12 -7.09 7.75
CA PRO A 232 14.94 -6.90 8.97
C PRO A 232 14.31 -5.87 9.90
N SER A 233 14.62 -5.98 11.19
CA SER A 233 14.01 -5.15 12.21
C SER A 233 14.16 -3.65 11.94
N GLY A 234 13.03 -2.94 11.93
CA GLY A 234 13.03 -1.51 11.78
C GLY A 234 13.06 -1.02 10.34
N MET A 235 12.95 -1.94 9.39
CA MET A 235 13.07 -1.56 7.98
C MET A 235 11.81 -1.80 7.16
N ASP A 236 11.53 -0.88 6.25
CA ASP A 236 10.54 -1.08 5.21
C ASP A 236 11.28 -1.28 3.89
N PRO A 237 10.57 -1.64 2.80
CA PRO A 237 11.30 -1.87 1.54
C PRO A 237 12.14 -0.68 1.08
N ASP A 238 11.63 0.53 1.23
CA ASP A 238 12.36 1.73 0.82
C ASP A 238 13.69 1.85 1.55
N GLU A 239 13.65 1.63 2.86
CA GLU A 239 14.86 1.71 3.68
C GLU A 239 15.84 0.57 3.37
N TYR A 240 15.31 -0.60 3.04
CA TYR A 240 16.15 -1.73 2.67
C TYR A 240 16.88 -1.43 1.36
N ILE A 241 16.13 -0.97 0.37
CA ILE A 241 16.70 -0.62 -0.93
C ILE A 241 17.77 0.45 -0.80
N GLY A 242 17.48 1.47 0.01
CA GLY A 242 18.41 2.56 0.22
C GLY A 242 19.70 2.14 0.89
N LYS A 243 19.63 1.11 1.72
CA LYS A 243 20.79 0.67 2.49
C LYS A 243 21.59 -0.43 1.80
N TYR A 244 20.91 -1.32 1.09
CA TYR A 244 21.57 -2.49 0.50
C TYR A 244 21.61 -2.50 -1.02
N GLY A 245 20.79 -1.68 -1.66
CA GLY A 245 20.77 -1.61 -3.12
C GLY A 245 19.68 -2.44 -3.77
N ASN A 246 19.50 -2.25 -5.07
CA ASN A 246 18.44 -2.94 -5.82
C ASN A 246 18.64 -4.44 -5.95
N ASP A 247 19.87 -4.86 -6.23
CA ASP A 247 20.17 -6.27 -6.43
C ASP A 247 19.97 -7.07 -5.15
N ALA A 248 20.38 -6.48 -4.03
CA ALA A 248 20.21 -7.11 -2.73
C ALA A 248 18.73 -7.23 -2.37
N PHE A 249 17.95 -6.25 -2.82
CA PHE A 249 16.51 -6.25 -2.54
C PHE A 249 15.78 -7.34 -3.32
N THR A 250 16.06 -7.44 -4.62
CA THR A 250 15.39 -8.42 -5.47
C THR A 250 15.80 -9.85 -5.11
N THR A 251 17.00 -10.00 -4.57
CA THR A 251 17.47 -11.29 -4.08
C THR A 251 16.76 -11.64 -2.78
N PHE A 252 16.65 -10.65 -1.90
CA PHE A 252 16.02 -10.83 -0.60
C PHE A 252 14.55 -11.24 -0.71
N VAL A 253 13.83 -10.62 -1.62
CA VAL A 253 12.38 -10.85 -1.74
C VAL A 253 12.03 -12.22 -2.31
N LYS A 254 13.00 -12.91 -2.88
CA LYS A 254 12.74 -14.25 -3.42
C LYS A 254 13.46 -15.33 -2.60
N ASN A 255 14.05 -14.92 -1.48
CA ASN A 255 14.74 -15.87 -0.61
C ASN A 255 13.78 -16.54 0.38
N ASP A 256 13.65 -15.95 1.56
CA ASP A 256 12.81 -16.53 2.61
C ASP A 256 11.34 -16.17 2.48
N LYS A 257 10.68 -16.72 1.46
CA LYS A 257 9.24 -16.52 1.28
C LYS A 257 8.49 -17.69 1.91
N LYS A 258 7.92 -17.45 3.08
CA LYS A 258 7.28 -18.52 3.86
C LYS A 258 5.76 -18.50 3.75
N SER A 259 5.16 -19.68 3.73
CA SER A 259 3.71 -19.81 3.81
C SER A 259 3.24 -19.19 5.13
N PHE A 260 2.05 -18.60 5.11
CA PHE A 260 1.51 -17.87 6.27
C PHE A 260 1.60 -18.65 7.58
N ALA A 261 1.16 -19.91 7.54
CA ALA A 261 1.18 -20.76 8.74
C ALA A 261 2.58 -20.87 9.34
N HIS A 262 3.59 -21.00 8.47
CA HIS A 262 4.97 -21.11 8.95
C HIS A 262 5.44 -19.80 9.59
N TYR A 263 5.14 -18.67 8.95
CA TYR A 263 5.48 -17.37 9.50
C TYR A 263 4.79 -17.17 10.85
N LYS A 264 3.51 -17.50 10.91
CA LYS A 264 2.70 -17.28 12.11
C LYS A 264 3.25 -18.03 13.32
N VAL A 265 3.55 -19.31 13.14
CA VAL A 265 4.04 -20.10 14.27
C VAL A 265 5.43 -19.63 14.72
N SER A 266 6.22 -19.10 13.79
CA SER A 266 7.55 -18.59 14.13
C SER A 266 7.43 -17.35 15.00
N ILE A 267 6.40 -16.56 14.76
CA ILE A 267 6.09 -15.40 15.59
C ILE A 267 5.67 -15.83 16.99
N LEU A 268 4.86 -16.88 17.06
CA LEU A 268 4.29 -17.35 18.32
C LEU A 268 5.21 -18.31 19.05
N LYS A 269 6.40 -18.53 18.49
CA LYS A 269 7.33 -19.56 18.96
C LYS A 269 7.60 -19.56 20.45
N ASP A 270 7.99 -18.42 21.00
CA ASP A 270 8.37 -18.33 22.41
C ASP A 270 7.18 -18.54 23.34
N GLU A 271 6.04 -17.91 23.02
CA GLU A 271 4.84 -18.06 23.84
C GLU A 271 4.37 -19.51 23.88
N ILE A 272 4.44 -20.19 22.74
CA ILE A 272 4.09 -21.60 22.66
C ILE A 272 4.99 -22.45 23.55
N ALA A 273 6.27 -22.14 23.54
CA ALA A 273 7.26 -22.91 24.28
C ALA A 273 7.23 -22.67 25.79
N HIS A 274 6.61 -21.58 26.22
CA HIS A 274 6.61 -21.21 27.64
C HIS A 274 5.23 -21.31 28.30
N ASN A 275 4.19 -21.03 27.52
CA ASN A 275 2.82 -20.98 28.03
C ASN A 275 2.01 -22.18 27.53
N ASP A 276 1.67 -23.09 28.43
CA ASP A 276 0.96 -24.32 28.05
C ASP A 276 -0.46 -24.06 27.56
N LEU A 277 -1.10 -23.02 28.11
CA LEU A 277 -2.44 -22.65 27.68
C LEU A 277 -2.40 -22.14 26.24
N SER A 278 -1.41 -21.29 25.96
CA SER A 278 -1.20 -20.78 24.60
C SER A 278 -0.78 -21.90 23.66
N TYR A 279 -0.02 -22.86 24.20
CA TYR A 279 0.40 -24.02 23.43
C TYR A 279 -0.81 -24.73 22.81
N GLU A 280 -1.79 -25.04 23.67
CA GLU A 280 -2.99 -25.73 23.24
C GLU A 280 -3.81 -24.91 22.24
N ARG A 281 -4.04 -23.65 22.57
CA ARG A 281 -4.86 -22.78 21.72
C ARG A 281 -4.24 -22.53 20.35
N TYR A 282 -2.92 -22.34 20.32
CA TYR A 282 -2.23 -22.09 19.05
C TYR A 282 -2.04 -23.36 18.22
N LEU A 283 -2.01 -24.52 18.88
CA LEU A 283 -1.95 -25.78 18.14
C LEU A 283 -3.26 -25.96 17.39
N LYS A 284 -4.37 -25.67 18.06
CA LYS A 284 -5.69 -25.70 17.43
C LYS A 284 -5.81 -24.65 16.32
N GLU A 285 -5.31 -23.45 16.59
CA GLU A 285 -5.35 -22.37 15.59
C GLU A 285 -4.58 -22.75 14.33
N LEU A 286 -3.34 -23.18 14.51
CA LEU A 286 -2.49 -23.54 13.37
C LEU A 286 -3.05 -24.74 12.62
N SER A 287 -3.68 -25.67 13.34
CA SER A 287 -4.36 -26.79 12.72
C SER A 287 -5.46 -26.27 11.79
N HIS A 288 -6.25 -25.33 12.30
CA HIS A 288 -7.31 -24.71 11.51
C HIS A 288 -6.75 -23.93 10.33
N ASP A 289 -5.67 -23.19 10.56
CA ASP A 289 -5.02 -22.42 9.49
C ASP A 289 -4.55 -23.33 8.36
N ILE A 290 -3.90 -24.42 8.72
CA ILE A 290 -3.39 -25.37 7.72
C ILE A 290 -4.54 -26.01 6.93
N SER A 291 -5.65 -26.28 7.61
CA SER A 291 -6.80 -26.91 6.96
C SER A 291 -7.41 -25.98 5.89
N LEU A 292 -7.20 -24.69 6.05
CA LEU A 292 -7.76 -23.71 5.12
C LEU A 292 -6.96 -23.62 3.82
N MET A 293 -5.72 -24.08 3.85
CA MET A 293 -4.85 -24.01 2.68
C MET A 293 -5.35 -24.87 1.53
N LYS A 294 -5.62 -24.23 0.39
CA LYS A 294 -6.17 -24.91 -0.78
C LYS A 294 -5.13 -25.80 -1.46
N SER A 295 -3.88 -25.36 -1.43
CA SER A 295 -2.78 -26.10 -2.04
C SER A 295 -2.39 -27.30 -1.18
N SER A 296 -2.67 -28.50 -1.67
CA SER A 296 -2.34 -29.72 -0.92
C SER A 296 -0.83 -29.87 -0.76
N ILE A 297 -0.09 -29.43 -1.78
CA ILE A 297 1.37 -29.45 -1.73
C ILE A 297 1.91 -28.58 -0.60
N LEU A 298 1.45 -27.32 -0.55
CA LEU A 298 1.91 -26.40 0.49
C LEU A 298 1.33 -26.75 1.86
N GLN A 299 0.15 -27.37 1.85
CA GLN A 299 -0.48 -27.81 3.09
C GLN A 299 0.40 -28.87 3.76
N GLN A 300 0.87 -29.83 2.96
CA GLN A 300 1.73 -30.89 3.47
C GLN A 300 3.07 -30.33 3.96
N LYS A 301 3.63 -29.36 3.24
CA LYS A 301 4.88 -28.75 3.67
C LYS A 301 4.70 -27.96 4.97
N ALA A 302 3.57 -27.27 5.09
CA ALA A 302 3.26 -26.51 6.29
C ALA A 302 3.21 -27.41 7.52
N ILE A 303 2.59 -28.58 7.36
CA ILE A 303 2.52 -29.56 8.45
C ILE A 303 3.92 -29.93 8.91
N ASN A 304 4.82 -30.19 7.95
CA ASN A 304 6.20 -30.53 8.27
C ASN A 304 6.95 -29.39 8.95
N ASP A 305 6.68 -28.15 8.52
CA ASP A 305 7.37 -26.99 9.05
C ASP A 305 6.85 -26.55 10.43
N VAL A 306 5.55 -26.74 10.65
CA VAL A 306 4.92 -26.25 11.88
C VAL A 306 5.06 -27.23 13.05
N ALA A 307 4.93 -28.52 12.76
CA ALA A 307 5.01 -29.57 13.77
C ALA A 307 6.14 -29.46 14.81
N PRO A 308 7.40 -29.18 14.37
CA PRO A 308 8.48 -29.07 15.35
C PRO A 308 8.29 -27.97 16.38
N PHE A 309 7.54 -26.92 16.04
CA PHE A 309 7.30 -25.82 16.98
C PHE A 309 6.46 -26.27 18.17
N PHE A 310 5.78 -27.39 18.04
CA PHE A 310 4.96 -27.92 19.11
C PHE A 310 5.55 -29.21 19.69
N ASN A 311 6.76 -29.54 19.25
CA ASN A 311 7.43 -30.79 19.64
C ASN A 311 6.54 -32.01 19.37
N VAL A 312 5.86 -31.98 18.23
CA VAL A 312 5.04 -33.10 17.79
C VAL A 312 5.50 -33.53 16.41
N SER A 313 5.14 -34.76 16.02
CA SER A 313 5.50 -35.28 14.71
C SER A 313 4.54 -34.72 13.67
N PRO A 314 4.97 -34.68 12.40
CA PRO A 314 4.08 -34.26 11.30
C PRO A 314 2.83 -35.12 11.23
N GLU A 315 2.94 -36.40 11.62
CA GLU A 315 1.80 -37.31 11.61
C GLU A 315 0.79 -36.93 12.69
N GLN A 316 1.30 -36.57 13.87
CA GLN A 316 0.44 -36.14 14.97
C GLN A 316 -0.30 -34.85 14.63
N LEU A 317 0.41 -33.91 14.01
CA LEU A 317 -0.20 -32.65 13.60
C LEU A 317 -1.25 -32.88 12.51
N ALA A 318 -0.93 -33.76 11.56
CA ALA A 318 -1.85 -34.08 10.48
C ALA A 318 -3.16 -34.70 11.00
N ASN A 319 -3.05 -35.44 12.10
CA ASN A 319 -4.21 -36.07 12.71
C ASN A 319 -5.11 -35.04 13.39
N GLU A 320 -4.49 -34.02 13.98
CA GLU A 320 -5.23 -32.96 14.66
C GLU A 320 -6.01 -32.11 13.65
N ILE A 321 -5.53 -32.07 12.42
CA ILE A 321 -6.16 -31.27 11.37
C ILE A 321 -7.36 -31.98 10.74
N1 CTP B . -0.37 6.90 6.47
C2 CTP B . -1.49 7.73 6.46
N3 CTP B . -1.49 8.92 7.16
C4 CTP B . -0.36 9.31 7.85
C5 CTP B . 0.78 8.52 7.77
C6 CTP B . 0.72 7.25 7.21
O2 CTP B . -2.50 7.39 5.84
N4 CTP B . -0.37 10.42 8.57
C1' CTP B . -0.30 5.75 5.54
C2' CTP B . 0.50 6.16 4.31
O2' CTP B . -0.31 5.99 3.17
C3' CTP B . 1.66 5.21 4.25
C4' CTP B . 1.25 4.07 5.16
O4' CTP B . 0.37 4.64 6.11
O3' CTP B . 1.88 4.78 2.93
C5' CTP B . 2.45 3.42 5.84
O5' CTP B . 2.94 4.20 6.89
PA CTP B . 4.48 4.68 6.88
O1A CTP B . 5.31 3.52 7.38
O2A CTP B . 4.71 5.91 7.72
O3A CTP B . 4.77 4.93 5.31
PB CTP B . 6.25 5.28 4.76
O1B CTP B . 6.43 4.77 3.35
O2B CTP B . 7.30 4.76 5.69
O3B CTP B . 6.32 6.89 4.77
PG CTP B . 7.72 7.67 4.63
O1G CTP B . 7.47 8.85 3.70
O2G CTP B . 8.80 6.82 4.02
O3G CTP B . 8.18 8.18 5.98
MN MN C . 4.55 1.43 11.14
MN MN D . 7.27 2.43 6.29
MN MN E . 9.52 4.59 4.62
C1 BEN F . 2.29 25.74 -16.91
C2 BEN F . 2.48 24.50 -17.50
C3 BEN F . 1.74 23.40 -17.08
C4 BEN F . 0.81 23.54 -16.06
C5 BEN F . 0.61 24.79 -15.47
C6 BEN F . 1.35 25.88 -15.90
C BEN F . 3.03 26.83 -17.35
N1 BEN F . 4.01 26.68 -18.22
N2 BEN F . 2.78 28.06 -16.91
#